data_6EFV
#
_entry.id   6EFV
#
_cell.length_a   60.483
_cell.length_b   99.739
_cell.length_c   103.533
_cell.angle_alpha   90.00
_cell.angle_beta   90.00
_cell.angle_gamma   90.00
#
_symmetry.space_group_name_H-M   'P 21 21 21'
#
loop_
_entity.id
_entity.type
_entity.pdbx_description
1 polymer 'Sulfite reductase [NADPH] flavoprotein alpha-component'
2 non-polymer 'FLAVIN-ADENINE DINUCLEOTIDE'
3 non-polymer 'FLAVIN MONONUCLEOTIDE'
4 non-polymer 'SULFATE ION'
5 non-polymer '3-CYCLOHEXYL-1-PROPYLSULFONIC ACID'
6 water water
#
_entity_poly.entity_id   1
_entity_poly.type   'polypeptide(L)'
_entity_poly.pdbx_seq_one_letter_code
;MGGSHHHHHHGMASMTGGNNMGRDLYDDDDKDRWGSELEITIISASQTGNARRVAEALRDDLLAAKLNVKLVNAGDYKFK
QIASEKLLIVVTSTQGEGEPPEEAVALHKFLFSKKAPKLENTAFAVFSLGDSSYEFFCQSGKDFDSKLAELGGERLLDRV
DADVEYQAAASEWRARVVDALKSRAPVVATGAVNEIHTSPYSKDAPLVASLSVNQKITGRNSEKDVRHIEIDLGDSGLRY
QPGDALGVWYQNDPALVKELVELLWLKGDEPVTVEGKTLPLNEALQWHFELTVNTANIVENYATLTRSETLLPLVGDKAK
LQHYAATTPIVDMVRFSPAQLDAEALINLLRPLTPRLYSIASSQAEVENEVHVTVGVVRYDVEGRARAGGASSFLADRVE
EEGEVRVFIEHNDNFRLPANPETPVIMIGPGTGIAPFRAFMQQRAADEAPGKNWLFFGNPHFTEDFLYQVEWQRYVKEGV
LTRIDLAWSRDQKEKVYVQDKLREQGAELWRWINDGAHIYVCGDANRMAKDVEQALLEVIAEFGGMDTEAADEFLSELRV
ERRYQRDVY
;
_entity_poly.pdbx_strand_id   A
#
loop_
_chem_comp.id
_chem_comp.type
_chem_comp.name
_chem_comp.formula
CXS non-polymer '3-CYCLOHEXYL-1-PROPYLSULFONIC ACID' 'C9 H19 N O3 S'
FAD non-polymer 'FLAVIN-ADENINE DINUCLEOTIDE' 'C27 H33 N9 O15 P2'
FMN non-polymer 'FLAVIN MONONUCLEOTIDE' 'C17 H21 N4 O9 P'
SO4 non-polymer 'SULFATE ION' 'O4 S -2'
#
# COMPACT_ATOMS: atom_id res chain seq x y z
N ILE A 40 21.71 10.46 11.49
CA ILE A 40 21.81 11.80 12.05
C ILE A 40 23.17 12.00 12.71
N THR A 41 23.97 12.93 12.20
CA THR A 41 25.30 13.20 12.70
C THR A 41 25.32 14.57 13.36
N ILE A 42 25.50 14.58 14.68
CA ILE A 42 25.67 15.82 15.44
C ILE A 42 27.16 16.08 15.61
N ILE A 43 27.64 17.17 15.03
CA ILE A 43 29.01 17.63 15.22
C ILE A 43 29.00 18.74 16.27
N SER A 44 29.79 18.57 17.31
CA SER A 44 29.96 19.55 18.37
C SER A 44 31.31 20.24 18.23
N ALA A 45 31.29 21.57 18.14
CA ALA A 45 32.51 22.39 18.10
C ALA A 45 32.44 23.37 19.27
N SER A 46 33.22 23.11 20.31
CA SER A 46 33.09 23.82 21.58
C SER A 46 34.48 24.09 22.16
N GLN A 47 34.61 25.21 22.88
CA GLN A 47 35.84 25.53 23.60
C GLN A 47 35.74 25.21 25.09
N THR A 48 34.72 25.75 25.76
CA THR A 48 34.47 25.49 27.17
C THR A 48 33.19 24.69 27.41
N GLY A 49 32.77 23.93 26.40
CA GLY A 49 31.79 22.87 26.58
C GLY A 49 30.33 23.24 26.49
N ASN A 50 29.99 24.52 26.27
CA ASN A 50 28.58 24.90 26.19
C ASN A 50 27.93 24.35 24.92
N ALA A 51 28.57 24.54 23.77
CA ALA A 51 28.06 23.98 22.53
C ALA A 51 27.90 22.47 22.63
N ARG A 52 28.82 21.81 23.34
CA ARG A 52 28.73 20.37 23.52
C ARG A 52 27.56 20.00 24.43
N ARG A 53 27.31 20.79 25.47
CA ARG A 53 26.15 20.53 26.32
C ARG A 53 24.87 20.57 25.49
N VAL A 54 24.75 21.56 24.60
CA VAL A 54 23.62 21.61 23.67
C VAL A 54 23.60 20.37 22.79
N ALA A 55 24.72 20.11 22.10
CA ALA A 55 24.79 18.97 21.19
C ALA A 55 24.55 17.66 21.92
N GLU A 56 24.92 17.58 23.20
CA GLU A 56 24.56 16.41 24.00
C GLU A 56 23.07 16.40 24.30
N ALA A 57 22.52 17.57 24.66
CA ALA A 57 21.08 17.67 24.86
C ALA A 57 20.31 17.24 23.62
N LEU A 58 20.92 17.37 22.44
CA LEU A 58 20.29 16.95 21.20
C LEU A 58 20.51 15.46 20.92
N ARG A 59 21.65 14.91 21.33
CA ARG A 59 21.86 13.47 21.21
C ARG A 59 20.88 12.69 22.09
N ASP A 60 20.46 13.27 23.22
CA ASP A 60 19.53 12.58 24.11
C ASP A 60 18.08 12.71 23.63
N ASP A 61 17.75 13.80 22.93
CA ASP A 61 16.44 13.93 22.32
C ASP A 61 16.30 12.95 21.16
N LEU A 62 17.08 13.16 20.09
CA LEU A 62 17.05 12.25 18.96
C LEU A 62 17.13 10.80 19.42
N LEU A 63 17.98 10.52 20.41
CA LEU A 63 18.10 9.15 20.91
C LEU A 63 16.76 8.61 21.39
N ALA A 64 15.94 9.48 22.01
CA ALA A 64 14.61 9.08 22.42
C ALA A 64 13.62 9.02 21.25
N ALA A 65 13.97 9.60 20.11
CA ALA A 65 13.09 9.61 18.95
C ALA A 65 13.58 8.65 17.87
N LYS A 66 14.59 9.06 17.09
CA LYS A 66 15.08 8.29 15.96
C LYS A 66 16.35 7.52 16.30
N LEU A 67 16.58 6.44 15.55
CA LEU A 67 17.75 5.59 15.71
C LEU A 67 18.93 6.05 14.86
N ASN A 68 19.04 7.34 14.58
CA ASN A 68 20.06 7.86 13.67
C ASN A 68 21.10 8.72 14.37
N VAL A 69 21.06 8.81 15.69
CA VAL A 69 21.82 9.81 16.42
C VAL A 69 23.21 9.28 16.74
N LYS A 70 24.24 10.03 16.35
CA LYS A 70 25.62 9.81 16.77
C LYS A 70 26.28 11.16 16.99
N LEU A 71 26.88 11.34 18.16
CA LEU A 71 27.53 12.59 18.54
C LEU A 71 29.04 12.44 18.38
N VAL A 72 29.63 13.29 17.54
CA VAL A 72 31.07 13.30 17.32
C VAL A 72 31.58 14.72 17.51
N ASN A 73 32.77 14.84 18.09
CA ASN A 73 33.42 16.15 18.21
C ASN A 73 34.03 16.56 16.87
N ALA A 74 34.00 17.86 16.60
CA ALA A 74 34.59 18.36 15.36
C ALA A 74 36.06 17.96 15.26
N GLY A 75 36.80 18.04 16.36
CA GLY A 75 38.20 17.68 16.38
C GLY A 75 38.48 16.22 16.06
N ASP A 76 37.45 15.37 16.08
CA ASP A 76 37.59 13.97 15.71
C ASP A 76 36.83 13.59 14.45
N TYR A 77 36.05 14.50 13.88
CA TYR A 77 35.15 14.18 12.79
C TYR A 77 35.92 14.04 11.48
N LYS A 78 35.73 12.92 10.78
CA LYS A 78 36.44 12.63 9.54
C LYS A 78 35.73 13.34 8.37
N PHE A 79 35.85 14.67 8.37
CA PHE A 79 35.11 15.50 7.43
C PHE A 79 35.41 15.15 5.97
N LYS A 80 36.54 14.50 5.68
CA LYS A 80 36.85 14.19 4.29
CA LYS A 80 36.86 14.18 4.29
C LYS A 80 35.73 13.38 3.63
N GLN A 81 35.04 12.53 4.40
CA GLN A 81 33.93 11.73 3.89
C GLN A 81 32.57 12.36 4.17
N ILE A 82 32.45 13.69 4.12
CA ILE A 82 31.24 14.32 4.62
C ILE A 82 30.08 14.20 3.64
N ALA A 83 30.35 14.20 2.33
CA ALA A 83 29.27 14.17 1.34
C ALA A 83 28.27 13.07 1.61
N SER A 84 28.72 11.96 2.22
CA SER A 84 27.86 10.83 2.53
C SER A 84 27.15 10.98 3.87
N GLU A 85 26.98 12.21 4.36
CA GLU A 85 26.21 12.48 5.58
C GLU A 85 24.76 12.71 5.17
N LYS A 86 23.88 11.79 5.56
CA LYS A 86 22.46 11.94 5.23
C LYS A 86 21.78 13.00 6.09
N LEU A 87 22.15 13.08 7.37
CA LEU A 87 21.59 14.08 8.29
C LEU A 87 22.70 14.64 9.15
N LEU A 88 22.99 15.93 8.99
CA LEU A 88 24.16 16.58 9.60
C LEU A 88 23.73 17.85 10.33
N ILE A 89 23.74 17.82 11.66
CA ILE A 89 23.45 18.98 12.48
C ILE A 89 24.75 19.45 13.15
N VAL A 90 24.99 20.76 13.12
CA VAL A 90 26.21 21.35 13.66
C VAL A 90 25.83 22.25 14.83
N VAL A 91 26.53 22.09 15.96
CA VAL A 91 26.41 22.95 17.13
C VAL A 91 27.79 23.51 17.42
N THR A 92 27.95 24.83 17.24
CA THR A 92 29.25 25.47 17.36
C THR A 92 29.13 26.81 18.07
N SER A 93 30.10 27.10 18.93
CA SER A 93 30.29 28.41 19.51
C SER A 93 31.35 29.16 18.70
N THR A 94 31.71 30.35 19.17
CA THR A 94 32.58 31.26 18.43
C THR A 94 33.71 31.76 19.31
N GLN A 95 34.91 31.88 18.74
CA GLN A 95 36.10 32.36 19.44
C GLN A 95 36.65 33.63 18.81
N GLY A 96 37.77 34.09 19.37
N GLY A 96 37.93 33.90 19.07
CA GLY A 96 38.28 35.45 19.22
CA GLY A 96 38.76 34.79 18.26
C GLY A 96 37.37 36.46 18.56
C GLY A 96 38.12 35.43 17.03
N GLU A 97 37.59 36.62 17.27
CA GLU A 97 36.80 37.46 16.35
C GLU A 97 36.20 36.64 15.20
N GLY A 98 35.25 35.78 15.51
CA GLY A 98 34.62 34.95 14.50
C GLY A 98 35.38 33.68 14.15
N GLU A 99 36.58 33.50 14.67
CA GLU A 99 37.27 32.24 14.47
C GLU A 99 36.45 31.11 15.08
N PRO A 100 36.50 29.92 14.48
CA PRO A 100 35.80 28.76 15.06
C PRO A 100 36.51 28.30 16.31
N PRO A 101 35.88 27.43 17.11
CA PRO A 101 36.64 26.69 18.12
C PRO A 101 37.83 25.98 17.48
N GLU A 102 38.90 25.80 18.26
CA GLU A 102 40.12 25.17 17.76
C GLU A 102 39.83 23.83 17.08
N GLU A 103 39.02 22.99 17.71
CA GLU A 103 38.76 21.65 17.18
C GLU A 103 38.00 21.68 15.85
N ALA A 104 37.33 22.77 15.53
CA ALA A 104 36.60 22.91 14.27
C ALA A 104 37.39 23.62 13.19
N VAL A 105 38.65 23.99 13.44
CA VAL A 105 39.40 24.84 12.51
C VAL A 105 39.73 24.09 11.22
N ALA A 106 40.18 22.83 11.34
CA ALA A 106 40.46 22.04 10.14
C ALA A 106 39.20 21.80 9.33
N LEU A 107 38.08 21.46 10.00
CA LEU A 107 36.82 21.24 9.30
C LEU A 107 36.32 22.51 8.60
N HIS A 108 36.59 23.67 9.20
CA HIS A 108 36.19 24.93 8.58
C HIS A 108 37.03 25.22 7.35
N LYS A 109 38.34 25.03 7.45
CA LYS A 109 39.23 25.28 6.32
C LYS A 109 38.95 24.30 5.17
N PHE A 110 38.54 23.08 5.48
CA PHE A 110 38.23 22.08 4.47
C PHE A 110 36.90 22.34 3.78
N LEU A 111 35.98 23.08 4.42
CA LEU A 111 34.74 23.47 3.78
C LEU A 111 34.86 24.79 3.03
N PHE A 112 35.72 25.68 3.51
CA PHE A 112 36.03 26.91 2.79
C PHE A 112 37.21 26.72 1.84
N SER A 113 37.55 25.47 1.54
CA SER A 113 38.70 25.13 0.73
C SER A 113 38.30 24.96 -0.73
N LYS A 114 39.22 25.29 -1.62
CA LYS A 114 39.01 25.04 -3.04
C LYS A 114 38.77 23.56 -3.34
N LYS A 115 38.90 22.67 -2.35
CA LYS A 115 38.79 21.23 -2.57
C LYS A 115 37.66 20.59 -1.76
N ALA A 116 36.63 21.39 -1.35
CA ALA A 116 35.54 20.89 -0.53
C ALA A 116 34.46 20.21 -1.39
N PRO A 117 33.80 19.18 -0.85
CA PRO A 117 32.89 18.37 -1.67
C PRO A 117 31.50 18.98 -1.82
N LYS A 118 30.93 18.82 -3.01
CA LYS A 118 29.55 19.17 -3.28
C LYS A 118 28.63 18.12 -2.67
N LEU A 119 27.48 18.56 -2.17
CA LEU A 119 26.58 17.69 -1.43
C LEU A 119 25.29 17.46 -2.20
N GLU A 120 24.85 16.20 -2.25
CA GLU A 120 23.66 15.81 -2.98
C GLU A 120 22.57 15.26 -2.08
N ASN A 121 22.88 14.31 -1.22
CA ASN A 121 21.92 13.75 -0.27
C ASN A 121 22.42 14.03 1.15
N THR A 122 22.39 15.31 1.54
CA THR A 122 22.76 15.72 2.89
C THR A 122 21.76 16.77 3.37
N ALA A 123 21.03 16.44 4.43
CA ALA A 123 20.17 17.39 5.14
C ALA A 123 20.84 17.81 6.44
N PHE A 124 20.79 19.11 6.73
CA PHE A 124 21.59 19.66 7.82
C PHE A 124 20.84 20.79 8.53
N ALA A 125 21.31 21.08 9.75
CA ALA A 125 20.88 22.23 10.52
C ALA A 125 22.07 22.70 11.37
N VAL A 126 22.00 23.95 11.83
CA VAL A 126 23.12 24.59 12.51
C VAL A 126 22.60 25.43 13.67
N PHE A 127 23.09 25.15 14.88
CA PHE A 127 22.86 25.99 16.05
C PHE A 127 24.16 26.69 16.44
N SER A 128 24.04 27.96 16.79
CA SER A 128 25.21 28.82 16.97
C SER A 128 25.18 29.48 18.35
N LEU A 129 26.35 29.55 18.99
CA LEU A 129 26.54 30.16 20.30
C LEU A 129 27.59 31.26 20.22
N GLY A 130 27.42 32.28 21.04
CA GLY A 130 28.34 33.41 21.01
C GLY A 130 28.02 34.45 22.05
N ASP A 131 28.57 35.65 21.85
CA ASP A 131 28.39 36.79 22.75
C ASP A 131 28.12 38.03 21.89
N SER A 132 26.97 38.66 22.09
CA SER A 132 26.55 39.76 21.22
C SER A 132 27.53 40.93 21.25
N SER A 133 28.12 41.20 22.42
CA SER A 133 28.99 42.37 22.55
C SER A 133 30.17 42.35 21.58
N TYR A 134 30.45 41.20 20.96
CA TYR A 134 31.54 41.06 20.02
C TYR A 134 31.13 41.53 18.63
N GLU A 135 32.12 41.97 17.86
CA GLU A 135 31.87 42.53 16.53
C GLU A 135 31.19 41.52 15.62
N PHE A 136 31.75 40.32 15.52
CA PHE A 136 31.19 39.25 14.70
C PHE A 136 30.49 38.26 15.64
N PHE A 137 29.20 38.47 15.84
CA PHE A 137 28.40 37.63 16.71
C PHE A 137 28.06 36.33 15.97
N CYS A 138 28.66 35.23 16.41
CA CYS A 138 28.35 33.90 15.88
C CYS A 138 28.86 33.73 14.45
N GLN A 139 30.08 34.20 14.17
CA GLN A 139 30.67 34.01 12.85
C GLN A 139 30.76 32.53 12.51
N SER A 140 31.26 31.71 13.45
CA SER A 140 31.45 30.29 13.18
C SER A 140 30.15 29.63 12.72
N GLY A 141 29.08 29.74 13.52
CA GLY A 141 27.82 29.14 13.14
C GLY A 141 27.27 29.68 11.82
N LYS A 142 27.49 30.97 11.57
CA LYS A 142 27.10 31.56 10.29
C LYS A 142 27.85 30.90 9.13
N ASP A 143 29.18 30.88 9.21
CA ASP A 143 30.01 30.27 8.16
C ASP A 143 29.48 28.87 7.80
N PHE A 144 29.39 27.98 8.79
CA PHE A 144 28.96 26.62 8.51
C PHE A 144 27.59 26.57 7.84
N ASP A 145 26.65 27.40 8.31
CA ASP A 145 25.30 27.37 7.72
C ASP A 145 25.32 27.81 6.26
N SER A 146 26.04 28.90 5.96
CA SER A 146 26.10 29.38 4.60
C SER A 146 26.82 28.40 3.69
N LYS A 147 27.98 27.91 4.12
CA LYS A 147 28.83 27.12 3.23
C LYS A 147 28.21 25.76 2.93
N LEU A 148 27.55 25.15 3.92
CA LEU A 148 26.97 23.82 3.72
C LEU A 148 25.87 23.84 2.66
N ALA A 149 24.97 24.84 2.73
CA ALA A 149 23.93 24.95 1.71
C ALA A 149 24.53 25.27 0.35
N GLU A 150 25.61 26.05 0.32
CA GLU A 150 26.31 26.40 -0.91
C GLU A 150 27.04 25.21 -1.53
N LEU A 151 27.16 24.10 -0.82
CA LEU A 151 27.71 22.87 -1.38
C LEU A 151 26.63 21.91 -1.84
N GLY A 152 25.36 22.28 -1.70
CA GLY A 152 24.25 21.43 -2.08
C GLY A 152 23.52 20.79 -0.92
N GLY A 153 23.80 21.21 0.32
CA GLY A 153 23.14 20.60 1.46
C GLY A 153 21.71 21.08 1.62
N GLU A 154 20.84 20.13 1.95
CA GLU A 154 19.42 20.44 2.11
C GLU A 154 19.21 21.02 3.49
N ARG A 155 18.87 22.30 3.54
CA ARG A 155 18.68 23.00 4.82
C ARG A 155 17.42 22.47 5.50
N LEU A 156 17.62 21.73 6.60
CA LEU A 156 16.50 21.14 7.33
C LEU A 156 15.71 22.19 8.10
N LEU A 157 16.42 23.04 8.84
CA LEU A 157 15.83 24.17 9.54
C LEU A 157 16.61 25.42 9.21
N ASP A 158 16.01 26.57 9.50
CA ASP A 158 16.73 27.83 9.43
C ASP A 158 17.78 27.88 10.54
N ARG A 159 18.92 28.51 10.24
CA ARG A 159 19.95 28.63 11.27
C ARG A 159 19.43 29.45 12.44
N VAL A 160 19.95 29.14 13.63
CA VAL A 160 19.59 29.82 14.86
C VAL A 160 20.86 30.27 15.57
N ASP A 161 20.87 31.50 16.04
CA ASP A 161 21.95 32.05 16.84
C ASP A 161 21.50 32.16 18.29
N ALA A 162 22.43 32.53 19.16
CA ALA A 162 22.10 32.70 20.58
C ALA A 162 23.23 33.46 21.25
N ASP A 163 22.88 34.21 22.29
CA ASP A 163 23.85 34.93 23.08
C ASP A 163 24.18 34.12 24.34
N VAL A 164 24.83 34.75 25.32
CA VAL A 164 25.27 34.04 26.52
C VAL A 164 24.12 33.21 27.10
N GLU A 165 23.06 33.89 27.52
CA GLU A 165 21.88 33.17 28.00
C GLU A 165 21.27 32.38 26.85
N TYR A 166 21.74 31.15 26.65
CA TYR A 166 21.38 30.39 25.47
C TYR A 166 20.35 29.30 25.72
N GLN A 167 20.11 28.92 26.99
CA GLN A 167 19.12 27.87 27.23
C GLN A 167 17.71 28.30 26.83
N ALA A 168 17.53 29.56 26.44
CA ALA A 168 16.27 29.99 25.84
C ALA A 168 16.19 29.55 24.38
N ALA A 169 16.94 30.22 23.51
CA ALA A 169 16.93 29.88 22.08
C ALA A 169 17.30 28.41 21.84
N ALA A 170 18.17 27.85 22.69
CA ALA A 170 18.59 26.47 22.49
C ALA A 170 17.50 25.48 22.87
N SER A 171 16.70 25.79 23.89
CA SER A 171 15.72 24.81 24.36
C SER A 171 14.62 24.56 23.34
N GLU A 172 14.24 25.57 22.55
CA GLU A 172 13.22 25.38 21.54
C GLU A 172 13.76 24.98 20.17
N TRP A 173 14.97 25.43 19.82
CA TRP A 173 15.61 24.92 18.60
C TRP A 173 15.72 23.41 18.63
N ARG A 174 16.24 22.87 19.74
CA ARG A 174 16.30 21.43 19.93
C ARG A 174 14.94 20.77 19.72
N ALA A 175 13.85 21.53 19.81
CA ALA A 175 12.50 20.98 19.69
C ALA A 175 12.13 20.69 18.25
N ARG A 176 12.02 21.73 17.42
CA ARG A 176 11.59 21.53 16.04
C ARG A 176 12.57 20.66 15.26
N VAL A 177 13.85 20.67 15.64
CA VAL A 177 14.82 19.78 15.00
C VAL A 177 14.37 18.33 15.14
N VAL A 178 14.03 17.91 16.36
CA VAL A 178 13.53 16.55 16.57
C VAL A 178 12.30 16.30 15.72
N ASP A 179 11.43 17.31 15.58
CA ASP A 179 10.27 17.17 14.72
C ASP A 179 10.69 17.16 13.25
N ALA A 180 11.33 18.24 12.80
CA ALA A 180 11.79 18.31 11.42
C ALA A 180 12.67 17.11 11.06
N LEU A 181 13.34 16.54 12.05
CA LEU A 181 14.17 15.35 11.86
C LEU A 181 13.42 14.06 12.18
N LYS A 182 12.10 14.12 12.33
CA LYS A 182 11.28 12.93 12.46
C LYS A 182 10.84 12.50 11.05
N SER A 183 9.73 11.77 10.92
CA SER A 183 9.30 11.28 9.61
C SER A 183 8.99 12.41 8.64
N ARG A 184 8.89 13.66 9.11
CA ARG A 184 8.56 14.79 8.23
C ARG A 184 9.79 15.35 7.53
N ALA A 185 10.80 14.49 7.31
CA ALA A 185 12.05 14.83 6.62
C ALA A 185 13.10 13.77 6.94
N PRO A 186 12.90 12.51 6.54
CA PRO A 186 13.79 11.44 7.02
C PRO A 186 14.98 11.15 6.11
N VAL A 187 15.84 10.25 6.56
CA VAL A 187 17.02 9.84 5.79
C VAL A 187 17.29 8.35 5.99
N VAL A 188 17.46 7.93 7.24
CA VAL A 188 17.81 6.54 7.54
C VAL A 188 16.69 5.88 8.34
N ALA A 189 16.71 6.06 9.67
CA ALA A 189 15.91 5.30 10.62
C ALA A 189 14.46 5.06 10.18
N THR A 190 13.53 5.79 10.80
CA THR A 190 12.10 5.53 10.64
C THR A 190 11.51 6.54 9.65
N GLY A 191 11.00 6.04 8.53
CA GLY A 191 10.46 6.90 7.49
C GLY A 191 8.96 7.03 7.53
N ALA A 192 8.24 5.96 7.20
CA ALA A 192 6.78 6.00 7.12
C ALA A 192 6.33 6.93 5.99
N VAL A 193 6.68 6.57 4.76
CA VAL A 193 6.36 7.35 3.58
C VAL A 193 5.29 6.61 2.78
N ASN A 194 4.26 7.33 2.35
CA ASN A 194 3.16 6.75 1.58
C ASN A 194 2.69 7.79 0.56
N GLU A 195 1.57 7.52 -0.10
CA GLU A 195 1.09 8.38 -1.18
C GLU A 195 -0.42 8.25 -1.34
N ILE A 196 -1.14 9.32 -1.03
CA ILE A 196 -2.58 9.41 -1.26
C ILE A 196 -2.95 10.89 -1.29
N HIS A 197 -4.06 11.22 -1.99
CA HIS A 197 -4.23 12.52 -2.63
C HIS A 197 -3.60 13.67 -1.84
N THR A 198 -4.33 14.27 -0.91
CA THR A 198 -3.71 15.25 -0.01
C THR A 198 -3.97 14.86 1.44
N SER A 199 -4.12 13.57 1.68
CA SER A 199 -4.68 12.97 2.87
C SER A 199 -3.61 12.71 3.93
N PRO A 200 -4.00 12.68 5.21
CA PRO A 200 -3.12 12.10 6.23
C PRO A 200 -3.19 10.58 6.30
N TYR A 201 -4.01 9.91 5.50
CA TYR A 201 -4.16 8.48 5.60
C TYR A 201 -3.47 7.80 4.42
N SER A 202 -2.88 6.65 4.70
CA SER A 202 -2.15 5.92 3.68
C SER A 202 -2.04 4.47 4.14
N LYS A 203 -1.37 3.65 3.32
CA LYS A 203 -1.27 2.23 3.64
C LYS A 203 -0.53 2.01 4.97
N ASP A 204 0.48 2.83 5.25
CA ASP A 204 1.25 2.68 6.48
C ASP A 204 0.65 3.41 7.66
N ALA A 205 -0.28 4.34 7.43
CA ALA A 205 -1.01 5.04 8.49
C ALA A 205 -2.46 5.08 8.06
N PRO A 206 -3.15 3.94 8.14
CA PRO A 206 -4.51 3.83 7.59
C PRO A 206 -5.54 4.49 8.49
N LEU A 207 -6.70 4.74 7.89
CA LEU A 207 -7.85 5.23 8.64
C LEU A 207 -8.47 4.11 9.46
N VAL A 208 -8.77 4.38 10.73
CA VAL A 208 -9.54 3.43 11.53
C VAL A 208 -11.01 3.70 11.23
N ALA A 209 -11.59 2.88 10.36
CA ALA A 209 -12.98 3.05 9.98
C ALA A 209 -13.81 1.99 10.67
N SER A 210 -15.09 1.88 10.32
CA SER A 210 -15.92 0.89 10.97
C SER A 210 -16.85 0.25 9.96
N LEU A 211 -17.19 -1.01 10.23
CA LEU A 211 -18.00 -1.80 9.33
C LEU A 211 -19.47 -1.56 9.66
N SER A 212 -20.21 -1.00 8.71
N SER A 212 -20.22 -0.99 8.72
CA SER A 212 -21.61 -0.67 8.92
CA SER A 212 -21.62 -0.70 8.96
C SER A 212 -22.56 -1.74 8.41
C SER A 212 -22.54 -1.80 8.44
N VAL A 213 -22.28 -2.30 7.23
CA VAL A 213 -23.15 -3.26 6.57
C VAL A 213 -22.28 -4.41 6.05
N ASN A 214 -22.74 -5.64 6.27
CA ASN A 214 -22.05 -6.86 5.84
C ASN A 214 -23.15 -7.82 5.41
N GLN A 215 -23.40 -7.92 4.10
CA GLN A 215 -24.63 -8.54 3.63
C GLN A 215 -24.36 -9.54 2.50
N LYS A 216 -24.84 -10.76 2.67
CA LYS A 216 -24.66 -11.78 1.65
C LYS A 216 -25.60 -11.49 0.49
N ILE A 217 -25.03 -11.32 -0.71
CA ILE A 217 -25.82 -10.95 -1.88
C ILE A 217 -25.82 -12.05 -2.93
N THR A 218 -25.31 -13.23 -2.61
CA THR A 218 -25.61 -14.41 -3.42
C THR A 218 -26.67 -15.26 -2.72
N GLY A 219 -27.48 -15.93 -3.52
CA GLY A 219 -28.55 -16.75 -2.99
C GLY A 219 -28.07 -18.00 -2.25
N ARG A 220 -29.01 -18.59 -1.51
CA ARG A 220 -28.73 -19.76 -0.69
C ARG A 220 -28.05 -20.88 -1.47
N ASN A 221 -28.40 -21.03 -2.74
CA ASN A 221 -27.88 -22.13 -3.54
C ASN A 221 -26.70 -21.74 -4.42
N SER A 222 -26.10 -20.58 -4.18
CA SER A 222 -24.89 -20.21 -4.89
C SER A 222 -23.73 -21.07 -4.38
N GLU A 223 -22.78 -21.33 -5.28
CA GLU A 223 -21.54 -21.98 -4.88
C GLU A 223 -20.55 -20.99 -4.28
N LYS A 224 -20.85 -19.71 -4.26
CA LYS A 224 -19.90 -18.72 -3.78
C LYS A 224 -20.58 -17.82 -2.76
N ASP A 225 -19.82 -17.40 -1.75
CA ASP A 225 -20.28 -16.44 -0.76
C ASP A 225 -19.75 -15.07 -1.18
N VAL A 226 -20.65 -14.15 -1.52
CA VAL A 226 -20.26 -12.79 -1.90
C VAL A 226 -20.94 -11.82 -0.96
N ARG A 227 -20.16 -10.88 -0.41
CA ARG A 227 -20.68 -9.95 0.57
C ARG A 227 -20.67 -8.55 0.00
N HIS A 228 -21.77 -7.83 0.15
CA HIS A 228 -21.79 -6.39 -0.03
C HIS A 228 -21.44 -5.73 1.29
N ILE A 229 -20.42 -4.88 1.27
CA ILE A 229 -19.82 -4.34 2.47
C ILE A 229 -19.90 -2.81 2.42
N GLU A 230 -20.45 -2.21 3.47
CA GLU A 230 -20.44 -0.76 3.60
C GLU A 230 -19.62 -0.39 4.83
N ILE A 231 -18.59 0.42 4.61
CA ILE A 231 -17.67 0.85 5.66
C ILE A 231 -17.87 2.34 5.87
N ASP A 232 -18.01 2.74 7.11
CA ASP A 232 -18.29 4.12 7.44
C ASP A 232 -16.97 4.85 7.62
N LEU A 233 -16.85 6.01 6.98
CA LEU A 233 -15.62 6.81 7.01
C LEU A 233 -15.64 7.90 8.08
N GLY A 234 -16.72 8.03 8.85
CA GLY A 234 -16.81 9.00 9.93
C GLY A 234 -16.61 10.43 9.46
N ASP A 235 -15.81 11.18 10.23
CA ASP A 235 -15.44 12.54 9.86
C ASP A 235 -14.02 12.62 9.28
N SER A 236 -13.47 11.51 8.79
CA SER A 236 -12.09 11.49 8.31
C SER A 236 -11.89 12.40 7.11
N GLY A 237 -12.90 12.58 6.27
CA GLY A 237 -12.63 13.24 5.01
C GLY A 237 -11.89 12.40 4.00
N LEU A 238 -11.80 11.09 4.19
CA LEU A 238 -11.20 10.25 3.16
C LEU A 238 -12.04 10.31 1.89
N ARG A 239 -11.40 10.62 0.77
CA ARG A 239 -12.04 10.80 -0.53
C ARG A 239 -11.51 9.76 -1.51
N TYR A 240 -12.33 9.44 -2.52
CA TYR A 240 -11.95 8.51 -3.56
C TYR A 240 -12.81 8.81 -4.77
N GLN A 241 -12.35 8.38 -5.94
CA GLN A 241 -13.09 8.43 -7.21
CA GLN A 241 -13.14 8.44 -7.15
C GLN A 241 -13.48 7.03 -7.64
N PRO A 242 -14.53 6.89 -8.45
CA PRO A 242 -14.85 5.58 -9.03
C PRO A 242 -13.68 5.08 -9.85
N GLY A 243 -13.38 3.81 -9.72
CA GLY A 243 -12.19 3.24 -10.28
C GLY A 243 -11.08 3.04 -9.28
N ASP A 244 -11.12 3.75 -8.14
CA ASP A 244 -10.14 3.51 -7.09
C ASP A 244 -10.44 2.17 -6.40
N ALA A 245 -9.46 1.70 -5.63
CA ALA A 245 -9.63 0.48 -4.83
C ALA A 245 -9.48 0.83 -3.36
N LEU A 246 -10.05 -0.01 -2.50
CA LEU A 246 -9.93 0.17 -1.06
C LEU A 246 -8.90 -0.82 -0.52
N GLY A 247 -7.88 -0.31 0.16
CA GLY A 247 -6.91 -1.16 0.84
C GLY A 247 -7.44 -1.49 2.23
N VAL A 248 -7.49 -2.79 2.53
CA VAL A 248 -8.10 -3.28 3.77
C VAL A 248 -7.05 -4.10 4.51
N TRP A 249 -6.61 -3.61 5.66
CA TRP A 249 -5.84 -4.42 6.60
C TRP A 249 -6.77 -5.40 7.30
N TYR A 250 -6.21 -6.53 7.75
CA TYR A 250 -7.01 -7.60 8.32
C TYR A 250 -6.20 -8.32 9.37
N GLN A 251 -6.86 -9.21 10.09
CA GLN A 251 -6.19 -10.09 11.04
C GLN A 251 -6.50 -11.54 10.68
N ASN A 252 -5.57 -12.42 11.00
CA ASN A 252 -5.84 -13.84 10.79
C ASN A 252 -6.87 -14.34 11.79
N ASP A 253 -7.56 -15.40 11.39
CA ASP A 253 -8.55 -16.06 12.20
C ASP A 253 -7.92 -16.64 13.45
N PRO A 254 -8.35 -16.25 14.66
CA PRO A 254 -7.71 -16.80 15.87
C PRO A 254 -7.80 -18.31 15.94
N ALA A 255 -8.85 -18.92 15.37
CA ALA A 255 -8.92 -20.37 15.30
C ALA A 255 -7.78 -20.93 14.45
N LEU A 256 -7.45 -20.29 13.34
CA LEU A 256 -6.36 -20.80 12.49
C LEU A 256 -5.02 -20.67 13.19
N VAL A 257 -4.79 -19.54 13.87
CA VAL A 257 -3.60 -19.37 14.69
C VAL A 257 -3.50 -20.51 15.70
N LYS A 258 -4.61 -20.80 16.37
CA LYS A 258 -4.59 -21.80 17.42
C LYS A 258 -4.30 -23.19 16.86
N GLU A 259 -5.00 -23.57 15.79
CA GLU A 259 -4.73 -24.86 15.17
C GLU A 259 -3.26 -24.97 14.79
N LEU A 260 -2.71 -23.92 14.16
CA LEU A 260 -1.30 -23.94 13.79
C LEU A 260 -0.40 -24.10 15.02
N VAL A 261 -0.63 -23.29 16.04
CA VAL A 261 0.23 -23.29 17.23
C VAL A 261 0.23 -24.66 17.87
N GLU A 262 -0.94 -25.28 18.01
CA GLU A 262 -1.01 -26.60 18.61
C GLU A 262 -0.26 -27.64 17.78
N LEU A 263 -0.50 -27.68 16.47
CA LEU A 263 0.11 -28.74 15.66
C LEU A 263 1.63 -28.71 15.78
N LEU A 264 2.19 -27.55 16.07
CA LEU A 264 3.63 -27.43 16.27
C LEU A 264 4.03 -27.67 17.72
N TRP A 265 3.08 -28.03 18.58
CA TRP A 265 3.29 -28.30 20.00
C TRP A 265 3.76 -27.07 20.77
N LEU A 266 3.55 -25.88 20.21
CA LEU A 266 3.67 -24.64 20.95
C LEU A 266 2.39 -24.36 21.74
N LYS A 267 2.48 -23.41 22.66
CA LYS A 267 1.29 -23.03 23.43
C LYS A 267 0.72 -21.68 23.06
N GLY A 268 1.51 -20.77 22.52
CA GLY A 268 0.98 -19.53 21.94
C GLY A 268 1.44 -18.27 22.61
N ASP A 269 2.04 -18.33 23.79
CA ASP A 269 2.57 -17.15 24.48
C ASP A 269 4.07 -17.06 24.41
N GLU A 270 4.71 -17.90 23.61
CA GLU A 270 6.16 -17.79 23.42
C GLU A 270 6.50 -16.40 22.88
N PRO A 271 7.50 -15.73 23.45
CA PRO A 271 7.90 -14.42 22.92
C PRO A 271 8.63 -14.55 21.59
N VAL A 272 8.39 -13.59 20.71
CA VAL A 272 9.10 -13.52 19.44
C VAL A 272 9.30 -12.05 19.09
N THR A 273 10.32 -11.80 18.30
CA THR A 273 10.64 -10.44 17.88
C THR A 273 9.98 -10.14 16.54
N VAL A 274 9.21 -9.05 16.51
CA VAL A 274 8.51 -8.58 15.32
C VAL A 274 8.84 -7.10 15.18
N GLU A 275 9.66 -6.76 14.20
CA GLU A 275 10.09 -5.37 14.00
C GLU A 275 10.77 -4.82 15.25
N GLY A 276 11.67 -5.61 15.82
CA GLY A 276 12.46 -5.19 16.96
C GLY A 276 11.78 -5.27 18.31
N LYS A 277 10.46 -5.31 18.35
CA LYS A 277 9.78 -5.47 19.63
C LYS A 277 9.45 -6.94 19.88
N THR A 278 8.93 -7.22 21.08
CA THR A 278 8.69 -8.58 21.54
C THR A 278 7.20 -8.80 21.72
N LEU A 279 6.67 -9.82 21.09
CA LEU A 279 5.25 -10.14 21.21
C LEU A 279 5.07 -11.61 21.53
N PRO A 280 3.97 -11.96 22.19
CA PRO A 280 3.55 -13.36 22.25
C PRO A 280 3.27 -13.89 20.84
N LEU A 281 3.62 -15.15 20.61
CA LEU A 281 3.48 -15.77 19.29
C LEU A 281 2.09 -15.52 18.68
N ASN A 282 1.03 -15.86 19.42
CA ASN A 282 -0.34 -15.68 18.92
C ASN A 282 -0.57 -14.28 18.34
N GLU A 283 -0.16 -13.24 19.06
CA GLU A 283 -0.38 -11.88 18.57
CA GLU A 283 -0.38 -11.88 18.57
C GLU A 283 0.42 -11.62 17.30
N ALA A 284 1.68 -12.08 17.27
CA ALA A 284 2.47 -11.96 16.05
C ALA A 284 1.78 -12.64 14.88
N LEU A 285 1.23 -13.85 15.10
CA LEU A 285 0.61 -14.59 14.01
C LEU A 285 -0.70 -13.95 13.60
N GLN A 286 -1.46 -13.43 14.57
CA GLN A 286 -2.77 -12.90 14.22
C GLN A 286 -2.65 -11.61 13.42
N TRP A 287 -1.72 -10.74 13.80
CA TRP A 287 -1.64 -9.38 13.30
C TRP A 287 -0.51 -9.14 12.30
N HIS A 288 0.54 -9.94 12.30
CA HIS A 288 1.73 -9.47 11.64
C HIS A 288 2.25 -10.36 10.51
N PHE A 289 1.73 -11.59 10.35
CA PHE A 289 2.27 -12.48 9.32
C PHE A 289 1.16 -13.11 8.49
N GLU A 290 1.50 -13.39 7.24
CA GLU A 290 0.63 -14.11 6.33
C GLU A 290 0.59 -15.57 6.71
N LEU A 291 -0.62 -16.11 6.83
CA LEU A 291 -0.87 -17.50 7.16
C LEU A 291 -1.69 -18.22 6.11
N THR A 292 -2.39 -17.49 5.27
CA THR A 292 -3.41 -18.06 4.43
C THR A 292 -2.94 -18.25 2.99
N VAL A 293 -1.68 -17.91 2.70
CA VAL A 293 -1.08 -18.05 1.37
C VAL A 293 0.20 -18.85 1.52
N ASN A 294 0.28 -19.99 0.86
CA ASN A 294 1.50 -20.79 0.86
C ASN A 294 2.27 -20.52 -0.43
N THR A 295 3.59 -20.68 -0.38
CA THR A 295 4.44 -20.41 -1.53
C THR A 295 5.46 -21.53 -1.68
N ALA A 296 5.92 -21.71 -2.93
CA ALA A 296 6.98 -22.66 -3.20
C ALA A 296 8.16 -22.49 -2.24
N ASN A 297 8.59 -21.24 -2.02
CA ASN A 297 9.71 -20.99 -1.11
C ASN A 297 9.41 -21.48 0.29
N ILE A 298 8.20 -21.23 0.80
CA ILE A 298 7.87 -21.67 2.15
C ILE A 298 7.88 -23.19 2.22
N VAL A 299 7.35 -23.86 1.19
CA VAL A 299 7.33 -25.32 1.19
C VAL A 299 8.76 -25.85 1.26
N GLU A 300 9.63 -25.27 0.44
CA GLU A 300 11.00 -25.74 0.35
C GLU A 300 11.73 -25.52 1.67
N ASN A 301 11.59 -24.31 2.24
CA ASN A 301 12.24 -24.01 3.51
C ASN A 301 11.74 -24.93 4.60
N TYR A 302 10.42 -25.16 4.64
CA TYR A 302 9.83 -26.03 5.65
C TYR A 302 10.27 -27.48 5.48
N ALA A 303 10.31 -27.95 4.25
CA ALA A 303 10.86 -29.28 3.97
C ALA A 303 12.27 -29.41 4.54
N THR A 304 13.09 -28.39 4.32
CA THR A 304 14.49 -28.47 4.73
C THR A 304 14.61 -28.40 6.24
N LEU A 305 13.86 -27.51 6.86
CA LEU A 305 13.91 -27.33 8.30
C LEU A 305 13.49 -28.59 9.03
N THR A 306 12.54 -29.33 8.47
CA THR A 306 11.98 -30.50 9.13
C THR A 306 12.54 -31.82 8.60
N ARG A 307 13.21 -31.81 7.45
CA ARG A 307 13.67 -33.05 6.82
CA ARG A 307 13.67 -33.04 6.82
C ARG A 307 12.50 -33.98 6.53
N SER A 308 11.32 -33.42 6.30
CA SER A 308 10.14 -34.22 6.02
C SER A 308 10.37 -35.18 4.86
N GLU A 309 10.03 -36.46 5.08
CA GLU A 309 10.14 -37.42 4.00
C GLU A 309 9.13 -37.15 2.90
N THR A 310 7.99 -36.56 3.25
CA THR A 310 7.00 -36.23 2.24
C THR A 310 7.46 -35.08 1.36
N LEU A 311 8.16 -34.10 1.94
CA LEU A 311 8.46 -32.84 1.25
C LEU A 311 9.86 -32.80 0.64
N LEU A 312 10.87 -33.37 1.32
CA LEU A 312 12.21 -33.44 0.77
C LEU A 312 12.21 -33.76 -0.71
N PRO A 313 11.37 -34.69 -1.19
CA PRO A 313 11.44 -35.03 -2.62
C PRO A 313 11.06 -33.87 -3.55
N LEU A 314 10.43 -32.82 -3.04
CA LEU A 314 10.13 -31.67 -3.89
C LEU A 314 11.25 -30.65 -3.90
N VAL A 315 12.26 -30.82 -3.03
CA VAL A 315 13.23 -29.75 -2.86
C VAL A 315 13.93 -29.47 -4.17
N GLY A 316 14.01 -28.21 -4.54
CA GLY A 316 14.65 -27.77 -5.76
C GLY A 316 13.86 -28.00 -7.03
N ASP A 317 12.60 -28.43 -6.94
CA ASP A 317 11.75 -28.58 -8.13
C ASP A 317 10.65 -27.53 -8.07
N LYS A 318 10.87 -26.42 -8.78
CA LYS A 318 9.98 -25.27 -8.67
C LYS A 318 8.53 -25.63 -9.00
N ALA A 319 8.30 -26.43 -10.04
CA ALA A 319 6.92 -26.71 -10.41
C ALA A 319 6.24 -27.59 -9.37
N LYS A 320 6.95 -28.59 -8.86
CA LYS A 320 6.39 -29.41 -7.78
C LYS A 320 6.13 -28.57 -6.53
N LEU A 321 7.05 -27.66 -6.21
CA LEU A 321 6.88 -26.84 -5.01
C LEU A 321 5.68 -25.93 -5.14
N GLN A 322 5.53 -25.30 -6.32
CA GLN A 322 4.41 -24.39 -6.55
C GLN A 322 3.11 -25.14 -6.48
N HIS A 323 3.06 -26.33 -7.08
CA HIS A 323 1.82 -27.10 -7.06
C HIS A 323 1.44 -27.48 -5.64
N TYR A 324 2.43 -27.86 -4.82
CA TYR A 324 2.13 -28.19 -3.42
C TYR A 324 1.60 -26.96 -2.68
N ALA A 325 2.27 -25.82 -2.81
CA ALA A 325 1.81 -24.60 -2.17
C ALA A 325 0.37 -24.28 -2.57
N ALA A 326 0.03 -24.47 -3.84
CA ALA A 326 -1.27 -24.06 -4.35
C ALA A 326 -2.38 -24.98 -3.89
N THR A 327 -2.05 -26.20 -3.53
CA THR A 327 -3.06 -27.15 -3.08
C THR A 327 -3.05 -27.36 -1.58
N THR A 328 -2.04 -26.86 -0.87
CA THR A 328 -1.87 -27.15 0.55
C THR A 328 -1.62 -25.88 1.33
N PRO A 329 -2.59 -25.39 2.09
CA PRO A 329 -2.33 -24.25 2.98
C PRO A 329 -1.24 -24.60 3.99
N ILE A 330 -0.64 -23.56 4.56
CA ILE A 330 0.45 -23.73 5.51
C ILE A 330 0.02 -24.64 6.67
N VAL A 331 -1.14 -24.36 7.26
CA VAL A 331 -1.55 -25.13 8.43
C VAL A 331 -1.65 -26.60 8.09
N ASP A 332 -2.07 -26.91 6.85
CA ASP A 332 -2.20 -28.30 6.45
C ASP A 332 -0.86 -28.93 6.09
N MET A 333 0.05 -28.16 5.50
CA MET A 333 1.41 -28.66 5.29
C MET A 333 2.02 -29.14 6.61
N VAL A 334 1.78 -28.38 7.67
CA VAL A 334 2.28 -28.74 9.00
C VAL A 334 1.60 -30.00 9.49
N ARG A 335 0.27 -30.06 9.38
CA ARG A 335 -0.43 -31.29 9.75
C ARG A 335 0.21 -32.49 9.09
N PHE A 336 0.39 -32.43 7.77
CA PHE A 336 0.83 -33.58 6.98
C PHE A 336 2.29 -33.93 7.23
N SER A 337 3.11 -32.99 7.70
CA SER A 337 4.52 -33.23 8.00
C SER A 337 4.84 -32.72 9.40
N PRO A 338 4.47 -33.49 10.42
CA PRO A 338 4.69 -33.01 11.78
C PRO A 338 6.18 -32.81 12.04
N ALA A 339 6.46 -31.81 12.87
CA ALA A 339 7.83 -31.51 13.25
C ALA A 339 7.80 -30.50 14.37
N GLN A 340 8.81 -30.52 15.23
CA GLN A 340 8.94 -29.54 16.29
C GLN A 340 9.68 -28.31 15.75
N LEU A 341 9.07 -27.14 15.85
CA LEU A 341 9.71 -25.87 15.54
C LEU A 341 9.55 -24.93 16.71
N ASP A 342 10.62 -24.24 17.09
CA ASP A 342 10.36 -23.25 18.11
C ASP A 342 9.71 -22.03 17.46
N ALA A 343 9.25 -21.12 18.31
CA ALA A 343 8.41 -20.01 17.84
C ALA A 343 9.15 -19.13 16.86
N GLU A 344 10.43 -18.84 17.11
CA GLU A 344 11.18 -17.98 16.20
CA GLU A 344 11.21 -18.00 16.21
C GLU A 344 11.41 -18.66 14.86
N ALA A 345 11.56 -19.99 14.86
CA ALA A 345 11.75 -20.69 13.60
C ALA A 345 10.51 -20.60 12.73
N LEU A 346 9.33 -20.70 13.34
CA LEU A 346 8.09 -20.58 12.58
C LEU A 346 7.97 -19.19 11.96
N ILE A 347 8.02 -18.16 12.81
CA ILE A 347 7.82 -16.79 12.36
C ILE A 347 8.85 -16.39 11.32
N ASN A 348 10.07 -16.89 11.43
CA ASN A 348 11.07 -16.69 10.41
C ASN A 348 10.68 -17.34 9.08
N LEU A 349 9.80 -18.32 9.11
CA LEU A 349 9.34 -18.95 7.88
C LEU A 349 8.42 -18.05 7.07
N LEU A 350 7.65 -17.21 7.76
CA LEU A 350 6.49 -16.50 7.23
C LEU A 350 6.87 -15.14 6.64
N ARG A 351 6.01 -14.63 5.71
CA ARG A 351 6.08 -13.30 5.12
CA ARG A 351 6.09 -13.30 5.13
C ARG A 351 5.23 -12.33 5.94
N PRO A 352 5.60 -11.04 5.99
CA PRO A 352 4.75 -10.08 6.70
C PRO A 352 3.35 -10.03 6.10
N LEU A 353 2.38 -9.73 6.97
CA LEU A 353 1.01 -9.57 6.53
C LEU A 353 0.87 -8.26 5.75
N THR A 354 0.15 -8.31 4.62
CA THR A 354 -0.08 -7.16 3.75
C THR A 354 -1.57 -6.94 3.53
N PRO A 355 -2.00 -5.70 3.28
CA PRO A 355 -3.43 -5.45 3.05
C PRO A 355 -3.86 -5.91 1.67
N ARG A 356 -5.16 -6.19 1.54
CA ARG A 356 -5.78 -6.58 0.29
C ARG A 356 -6.53 -5.39 -0.30
N LEU A 357 -6.62 -5.36 -1.62
CA LEU A 357 -7.33 -4.32 -2.35
C LEU A 357 -8.67 -4.82 -2.86
N TYR A 358 -9.65 -3.91 -2.86
CA TYR A 358 -11.00 -4.23 -3.32
C TYR A 358 -11.53 -3.04 -4.11
N SER A 359 -11.85 -3.28 -5.39
CA SER A 359 -12.40 -2.25 -6.24
C SER A 359 -13.56 -1.58 -5.51
N ILE A 360 -13.57 -0.25 -5.51
CA ILE A 360 -14.61 0.46 -4.79
C ILE A 360 -15.90 0.40 -5.62
N ALA A 361 -16.99 0.07 -4.94
CA ALA A 361 -18.29 -0.20 -5.55
C ALA A 361 -19.31 0.91 -5.27
N SER A 362 -18.85 2.10 -4.89
CA SER A 362 -19.75 3.20 -4.62
C SER A 362 -19.15 4.49 -5.14
N SER A 363 -20.01 5.49 -5.30
CA SER A 363 -19.59 6.87 -5.56
C SER A 363 -19.89 7.71 -4.34
N GLN A 364 -18.92 8.56 -3.94
CA GLN A 364 -19.16 9.43 -2.79
C GLN A 364 -20.23 10.47 -3.08
N ALA A 365 -20.44 10.83 -4.37
CA ALA A 365 -21.54 11.74 -4.69
C ALA A 365 -22.87 11.14 -4.24
N GLU A 366 -22.94 9.82 -4.16
CA GLU A 366 -24.15 9.11 -3.77
C GLU A 366 -24.10 8.65 -2.31
N VAL A 367 -22.98 8.09 -1.83
CA VAL A 367 -22.96 7.52 -0.47
C VAL A 367 -22.26 8.43 0.55
N GLU A 368 -21.67 9.54 0.13
CA GLU A 368 -21.07 10.55 1.02
CA GLU A 368 -21.09 10.54 1.04
C GLU A 368 -19.95 9.90 1.83
N ASN A 369 -19.99 9.88 3.16
CA ASN A 369 -18.85 9.49 3.98
C ASN A 369 -18.83 7.98 4.22
N GLU A 370 -18.89 7.22 3.12
CA GLU A 370 -18.90 5.77 3.17
C GLU A 370 -18.14 5.24 1.99
N VAL A 371 -17.75 3.97 2.08
CA VAL A 371 -17.10 3.29 0.99
C VAL A 371 -17.66 1.88 0.97
N HIS A 372 -18.08 1.43 -0.21
CA HIS A 372 -18.71 0.14 -0.40
C HIS A 372 -17.76 -0.75 -1.20
N VAL A 373 -17.81 -2.05 -0.92
CA VAL A 373 -17.03 -3.03 -1.66
C VAL A 373 -17.83 -4.32 -1.81
N THR A 374 -17.40 -5.14 -2.77
CA THR A 374 -18.05 -6.38 -3.18
C THR A 374 -17.02 -7.48 -3.00
N VAL A 375 -17.16 -8.28 -1.96
CA VAL A 375 -16.09 -9.14 -1.48
C VAL A 375 -16.48 -10.59 -1.76
N GLY A 376 -15.75 -11.25 -2.65
CA GLY A 376 -15.91 -12.68 -2.81
C GLY A 376 -15.14 -13.42 -1.73
N VAL A 377 -15.84 -14.10 -0.83
CA VAL A 377 -15.16 -14.77 0.27
C VAL A 377 -14.54 -16.07 -0.25
N VAL A 378 -13.21 -16.13 -0.20
CA VAL A 378 -12.48 -17.36 -0.54
C VAL A 378 -12.76 -18.39 0.54
N ARG A 379 -13.53 -19.42 0.20
CA ARG A 379 -13.85 -20.53 1.09
C ARG A 379 -13.55 -21.84 0.37
N TYR A 380 -12.87 -22.75 1.04
CA TYR A 380 -12.56 -24.05 0.48
C TYR A 380 -12.28 -25.00 1.61
N ASP A 381 -12.07 -26.25 1.26
CA ASP A 381 -12.01 -27.35 2.20
C ASP A 381 -10.75 -28.16 1.94
N VAL A 382 -10.08 -28.59 3.00
CA VAL A 382 -8.96 -29.51 2.87
C VAL A 382 -9.26 -30.71 3.76
N GLU A 383 -9.61 -31.83 3.13
CA GLU A 383 -9.97 -33.05 3.87
C GLU A 383 -11.01 -32.76 4.95
N GLY A 384 -12.02 -31.97 4.62
CA GLY A 384 -13.06 -31.70 5.59
C GLY A 384 -12.77 -30.55 6.55
N ARG A 385 -11.58 -29.95 6.51
CA ARG A 385 -11.27 -28.81 7.36
C ARG A 385 -11.48 -27.53 6.54
N ALA A 386 -12.34 -26.66 7.06
CA ALA A 386 -12.69 -25.40 6.40
C ALA A 386 -11.49 -24.44 6.36
N ARG A 387 -11.19 -23.93 5.17
CA ARG A 387 -10.16 -22.91 4.99
C ARG A 387 -10.78 -21.69 4.30
N ALA A 388 -10.11 -20.55 4.45
CA ALA A 388 -10.64 -19.29 3.93
C ALA A 388 -9.50 -18.30 3.70
N GLY A 389 -9.67 -17.44 2.70
CA GLY A 389 -8.72 -16.37 2.53
C GLY A 389 -8.71 -15.44 3.72
N GLY A 390 -7.54 -14.89 4.03
CA GLY A 390 -7.42 -14.07 5.23
C GLY A 390 -8.34 -12.86 5.27
N ALA A 391 -8.21 -11.95 4.31
CA ALA A 391 -8.93 -10.68 4.37
C ALA A 391 -10.41 -10.88 4.07
N SER A 392 -10.72 -11.63 3.01
CA SER A 392 -12.11 -11.78 2.65
C SER A 392 -12.89 -12.43 3.79
N SER A 393 -12.30 -13.41 4.50
CA SER A 393 -13.02 -14.01 5.61
C SER A 393 -12.96 -13.12 6.86
N PHE A 394 -11.91 -12.32 7.00
CA PHE A 394 -11.92 -11.30 8.03
C PHE A 394 -13.14 -10.39 7.93
N LEU A 395 -13.39 -9.82 6.75
CA LEU A 395 -14.54 -8.93 6.58
C LEU A 395 -15.86 -9.67 6.76
N ALA A 396 -15.94 -10.87 6.19
CA ALA A 396 -17.23 -11.58 6.16
C ALA A 396 -17.62 -12.13 7.52
N ASP A 397 -16.65 -12.66 8.29
CA ASP A 397 -16.96 -13.45 9.48
C ASP A 397 -16.44 -12.87 10.79
N ARG A 398 -15.40 -12.04 10.79
CA ARG A 398 -14.69 -11.76 12.03
C ARG A 398 -14.74 -10.30 12.45
N VAL A 399 -15.61 -9.49 11.83
CA VAL A 399 -15.78 -8.09 12.19
C VAL A 399 -17.25 -7.84 12.50
N GLU A 400 -17.53 -7.43 13.73
CA GLU A 400 -18.89 -7.11 14.13
C GLU A 400 -19.36 -5.82 13.48
N GLU A 401 -20.68 -5.71 13.34
CA GLU A 401 -21.28 -4.43 13.01
C GLU A 401 -20.70 -3.36 13.90
N GLU A 402 -20.30 -2.23 13.30
CA GLU A 402 -19.57 -1.14 13.94
C GLU A 402 -18.14 -1.54 14.27
N GLY A 403 -17.72 -2.77 13.95
CA GLY A 403 -16.37 -3.18 14.25
C GLY A 403 -15.34 -2.39 13.47
N GLU A 404 -14.13 -2.39 14.00
CA GLU A 404 -13.07 -1.58 13.43
C GLU A 404 -12.51 -2.22 12.17
N VAL A 405 -12.18 -1.39 11.18
CA VAL A 405 -11.50 -1.86 9.98
C VAL A 405 -10.54 -0.76 9.57
N ARG A 406 -9.28 -1.11 9.32
CA ARG A 406 -8.26 -0.13 8.97
C ARG A 406 -8.08 -0.11 7.47
N VAL A 407 -8.29 1.05 6.86
CA VAL A 407 -8.38 1.15 5.41
C VAL A 407 -7.63 2.38 4.91
N PHE A 408 -7.34 2.35 3.61
CA PHE A 408 -6.74 3.45 2.87
C PHE A 408 -7.28 3.35 1.44
N ILE A 409 -7.00 4.39 0.64
CA ILE A 409 -7.39 4.43 -0.78
C ILE A 409 -6.17 4.09 -1.62
N GLU A 410 -6.34 3.18 -2.57
CA GLU A 410 -5.36 2.94 -3.63
C GLU A 410 -5.90 3.65 -4.87
N HIS A 411 -5.32 4.81 -5.20
CA HIS A 411 -5.81 5.59 -6.33
C HIS A 411 -5.41 4.93 -7.64
N ASN A 412 -6.36 4.83 -8.57
CA ASN A 412 -6.07 4.33 -9.91
C ASN A 412 -6.48 5.37 -10.94
N ASP A 413 -5.52 6.20 -11.36
CA ASP A 413 -5.82 7.23 -12.34
C ASP A 413 -6.06 6.65 -13.73
N ASN A 414 -5.74 5.38 -13.95
CA ASN A 414 -5.92 4.75 -15.24
C ASN A 414 -7.13 3.83 -15.29
N PHE A 415 -8.15 4.09 -14.45
CA PHE A 415 -9.45 3.42 -14.50
C PHE A 415 -10.49 4.47 -14.11
N ARG A 416 -11.01 5.19 -15.11
CA ARG A 416 -11.79 6.39 -14.84
C ARG A 416 -12.90 6.54 -15.87
N LEU A 417 -14.07 7.00 -15.42
CA LEU A 417 -15.12 7.45 -16.32
C LEU A 417 -14.60 8.50 -17.29
N PRO A 418 -15.20 8.62 -18.48
CA PRO A 418 -14.80 9.72 -19.38
C PRO A 418 -15.09 11.06 -18.73
N ALA A 419 -14.27 12.04 -19.07
CA ALA A 419 -14.54 13.38 -18.55
C ALA A 419 -15.76 13.97 -19.22
N ASN A 420 -15.97 13.66 -20.48
CA ASN A 420 -17.15 14.13 -21.19
C ASN A 420 -18.37 13.31 -20.76
N PRO A 421 -19.36 13.91 -20.11
CA PRO A 421 -20.53 13.14 -19.65
C PRO A 421 -21.32 12.50 -20.79
N GLU A 422 -21.00 12.81 -22.05
CA GLU A 422 -21.74 12.29 -23.18
C GLU A 422 -21.04 11.12 -23.86
N THR A 423 -19.80 10.83 -23.53
CA THR A 423 -19.13 9.73 -24.19
C THR A 423 -19.78 8.41 -23.75
N PRO A 424 -19.99 7.48 -24.68
CA PRO A 424 -20.56 6.19 -24.27
C PRO A 424 -19.54 5.38 -23.50
N VAL A 425 -20.06 4.46 -22.68
CA VAL A 425 -19.26 3.67 -21.73
C VAL A 425 -19.68 2.20 -21.85
N ILE A 426 -18.71 1.33 -22.09
CA ILE A 426 -18.90 -0.13 -22.17
C ILE A 426 -18.14 -0.76 -21.02
N MET A 427 -18.84 -1.57 -20.23
CA MET A 427 -18.32 -2.10 -18.96
C MET A 427 -18.41 -3.61 -18.97
N ILE A 428 -17.31 -4.27 -18.71
CA ILE A 428 -17.26 -5.74 -18.75
C ILE A 428 -16.72 -6.22 -17.41
N GLY A 429 -17.61 -6.73 -16.56
CA GLY A 429 -17.24 -7.05 -15.20
C GLY A 429 -18.07 -8.17 -14.60
N PRO A 430 -17.79 -9.40 -15.01
CA PRO A 430 -18.47 -10.54 -14.39
C PRO A 430 -17.90 -10.82 -13.01
N GLY A 431 -18.70 -11.51 -12.19
CA GLY A 431 -18.26 -11.86 -10.85
C GLY A 431 -18.10 -10.61 -10.00
N THR A 432 -17.05 -10.59 -9.18
CA THR A 432 -16.76 -9.42 -8.37
C THR A 432 -16.23 -8.27 -9.19
N GLY A 433 -15.85 -8.51 -10.45
CA GLY A 433 -15.50 -7.39 -11.31
C GLY A 433 -16.61 -6.39 -11.51
N ILE A 434 -17.81 -6.69 -11.01
CA ILE A 434 -18.93 -5.76 -11.15
C ILE A 434 -18.71 -4.50 -10.33
N ALA A 435 -17.89 -4.57 -9.27
CA ALA A 435 -17.80 -3.50 -8.27
C ALA A 435 -17.63 -2.10 -8.85
N PRO A 436 -16.54 -1.81 -9.60
CA PRO A 436 -16.33 -0.43 -10.05
C PRO A 436 -17.43 0.08 -10.93
N PHE A 437 -18.20 -0.81 -11.55
CA PHE A 437 -19.28 -0.40 -12.44
C PHE A 437 -20.52 -0.02 -11.65
N ARG A 438 -20.70 -0.60 -10.45
CA ARG A 438 -21.67 -0.01 -9.54
C ARG A 438 -21.28 1.43 -9.23
N ALA A 439 -19.99 1.67 -8.97
CA ALA A 439 -19.53 3.03 -8.71
C ALA A 439 -19.69 3.91 -9.95
N PHE A 440 -19.39 3.39 -11.13
CA PHE A 440 -19.58 4.18 -12.35
C PHE A 440 -21.01 4.66 -12.48
N MET A 441 -21.98 3.76 -12.28
CA MET A 441 -23.37 4.09 -12.50
C MET A 441 -23.91 4.99 -11.40
N GLN A 442 -23.51 4.76 -10.15
CA GLN A 442 -23.88 5.73 -9.11
C GLN A 442 -23.39 7.11 -9.47
N GLN A 443 -22.19 7.20 -10.05
CA GLN A 443 -21.62 8.49 -10.38
C GLN A 443 -22.37 9.12 -11.55
N ARG A 444 -22.50 8.40 -12.65
CA ARG A 444 -23.16 8.97 -13.82
C ARG A 444 -24.62 9.29 -13.54
N ALA A 445 -25.29 8.50 -12.72
CA ALA A 445 -26.64 8.87 -12.32
C ALA A 445 -26.63 10.15 -11.47
N ALA A 446 -25.70 10.24 -10.51
CA ALA A 446 -25.62 11.44 -9.67
C ALA A 446 -25.36 12.69 -10.51
N ASP A 447 -24.48 12.60 -11.49
CA ASP A 447 -24.20 13.72 -12.39
C ASP A 447 -25.26 13.92 -13.45
N GLU A 448 -26.25 13.02 -13.54
CA GLU A 448 -27.19 13.01 -14.63
C GLU A 448 -26.46 13.10 -15.97
N ALA A 449 -25.42 12.30 -16.12
CA ALA A 449 -24.71 12.22 -17.39
C ALA A 449 -25.62 11.60 -18.45
N PRO A 450 -25.71 12.18 -19.63
CA PRO A 450 -26.58 11.60 -20.68
C PRO A 450 -25.89 10.50 -21.48
N GLY A 451 -24.60 10.29 -21.28
CA GLY A 451 -23.90 9.28 -22.04
C GLY A 451 -24.55 7.92 -21.89
N LYS A 452 -24.55 7.14 -22.98
CA LYS A 452 -25.07 5.79 -22.95
C LYS A 452 -24.11 4.89 -22.18
N ASN A 453 -24.67 3.95 -21.42
CA ASN A 453 -23.90 2.99 -20.64
C ASN A 453 -24.32 1.56 -20.95
N TRP A 454 -23.35 0.67 -21.05
CA TRP A 454 -23.58 -0.69 -21.49
C TRP A 454 -22.84 -1.63 -20.54
N LEU A 455 -23.56 -2.52 -19.86
CA LEU A 455 -22.96 -3.47 -18.94
C LEU A 455 -23.01 -4.89 -19.51
N PHE A 456 -21.86 -5.57 -19.49
CA PHE A 456 -21.76 -7.02 -19.68
C PHE A 456 -21.39 -7.66 -18.35
N PHE A 457 -22.28 -8.51 -17.84
CA PHE A 457 -22.12 -9.21 -16.57
C PHE A 457 -22.32 -10.70 -16.77
N GLY A 458 -21.68 -11.50 -15.92
CA GLY A 458 -21.77 -12.93 -16.01
C GLY A 458 -21.43 -13.59 -14.69
N ASN A 459 -21.98 -14.78 -14.49
CA ASN A 459 -21.78 -15.58 -13.28
C ASN A 459 -22.44 -16.95 -13.49
N PRO A 460 -22.34 -17.87 -12.54
CA PRO A 460 -22.91 -19.21 -12.80
C PRO A 460 -24.43 -19.22 -12.99
N HIS A 461 -25.21 -18.65 -12.06
CA HIS A 461 -26.67 -18.82 -12.06
C HIS A 461 -27.41 -17.50 -11.94
N PHE A 462 -28.42 -17.32 -12.81
CA PHE A 462 -29.24 -16.13 -12.78
C PHE A 462 -29.99 -15.98 -11.46
N THR A 463 -30.56 -17.07 -10.94
CA THR A 463 -31.34 -16.94 -9.70
C THR A 463 -30.47 -16.80 -8.46
N GLU A 464 -29.17 -17.09 -8.53
CA GLU A 464 -28.32 -17.07 -7.34
C GLU A 464 -27.23 -16.02 -7.35
N ASP A 465 -26.72 -15.63 -8.54
CA ASP A 465 -25.45 -14.93 -8.62
C ASP A 465 -25.57 -13.63 -9.41
N PHE A 466 -26.77 -13.06 -9.52
CA PHE A 466 -26.99 -11.78 -10.19
C PHE A 466 -26.74 -10.65 -9.17
N LEU A 467 -25.46 -10.39 -8.92
CA LEU A 467 -25.08 -9.35 -7.96
C LEU A 467 -25.72 -8.01 -8.31
N TYR A 468 -26.49 -7.45 -7.36
CA TYR A 468 -27.06 -6.11 -7.49
C TYR A 468 -28.16 -6.03 -8.53
N GLN A 469 -28.79 -7.16 -8.82
CA GLN A 469 -29.83 -7.24 -9.85
C GLN A 469 -30.84 -6.11 -9.73
N VAL A 470 -31.33 -5.85 -8.52
CA VAL A 470 -32.43 -4.90 -8.35
C VAL A 470 -31.95 -3.47 -8.61
N GLU A 471 -30.67 -3.19 -8.37
CA GLU A 471 -30.14 -1.88 -8.76
C GLU A 471 -30.03 -1.76 -10.28
N TRP A 472 -29.62 -2.84 -10.96
CA TRP A 472 -29.52 -2.76 -12.42
C TRP A 472 -30.89 -2.52 -13.03
N GLN A 473 -31.91 -3.20 -12.53
CA GLN A 473 -33.26 -2.98 -13.04
C GLN A 473 -33.67 -1.53 -12.87
N ARG A 474 -33.29 -0.92 -11.75
CA ARG A 474 -33.61 0.49 -11.50
C ARG A 474 -32.86 1.39 -12.48
N TYR A 475 -31.58 1.10 -12.73
CA TYR A 475 -30.83 1.89 -13.69
C TYR A 475 -31.40 1.75 -15.09
N VAL A 476 -31.86 0.54 -15.46
CA VAL A 476 -32.46 0.41 -16.78
C VAL A 476 -33.75 1.21 -16.82
N LYS A 477 -34.59 1.04 -15.81
CA LYS A 477 -35.84 1.76 -15.71
C LYS A 477 -35.65 3.27 -15.84
N GLU A 478 -34.69 3.82 -15.10
CA GLU A 478 -34.42 5.26 -15.08
C GLU A 478 -33.67 5.77 -16.31
N GLY A 479 -33.30 4.92 -17.25
CA GLY A 479 -32.59 5.39 -18.43
C GLY A 479 -31.10 5.61 -18.24
N VAL A 480 -30.55 5.28 -17.08
CA VAL A 480 -29.11 5.40 -16.85
C VAL A 480 -28.36 4.27 -17.54
N LEU A 481 -28.84 3.04 -17.41
CA LEU A 481 -28.19 1.88 -18.02
C LEU A 481 -28.87 1.59 -19.36
N THR A 482 -28.18 1.90 -20.44
CA THR A 482 -28.81 1.87 -21.75
C THR A 482 -28.95 0.44 -22.26
N ARG A 483 -27.94 -0.39 -22.01
CA ARG A 483 -27.90 -1.75 -22.49
C ARG A 483 -27.29 -2.64 -21.43
N ILE A 484 -27.73 -3.89 -21.42
CA ILE A 484 -27.21 -4.88 -20.48
C ILE A 484 -27.29 -6.26 -21.14
N ASP A 485 -26.17 -6.98 -21.12
CA ASP A 485 -26.11 -8.34 -21.59
C ASP A 485 -25.55 -9.23 -20.49
N LEU A 486 -26.18 -10.39 -20.30
CA LEU A 486 -25.92 -11.29 -19.19
C LEU A 486 -25.52 -12.68 -19.68
N ALA A 487 -24.50 -13.27 -19.05
CA ALA A 487 -24.02 -14.61 -19.39
C ALA A 487 -24.06 -15.49 -18.15
N TRP A 488 -24.95 -16.46 -18.13
CA TRP A 488 -25.08 -17.40 -17.01
C TRP A 488 -24.46 -18.73 -17.42
N SER A 489 -23.27 -19.04 -16.86
CA SER A 489 -22.46 -20.12 -17.39
C SER A 489 -22.98 -21.51 -17.03
N ARG A 490 -23.80 -21.63 -15.99
CA ARG A 490 -24.23 -22.94 -15.53
C ARG A 490 -25.75 -23.07 -15.47
N ASP A 491 -26.48 -22.24 -16.24
CA ASP A 491 -27.94 -22.33 -16.31
C ASP A 491 -28.43 -23.21 -17.45
N GLN A 492 -27.55 -23.64 -18.35
CA GLN A 492 -27.90 -24.54 -19.44
C GLN A 492 -26.70 -25.45 -19.72
N LYS A 493 -26.83 -26.28 -20.75
CA LYS A 493 -25.86 -27.34 -20.99
C LYS A 493 -24.48 -26.76 -21.29
N GLU A 494 -24.40 -25.85 -22.24
CA GLU A 494 -23.11 -25.31 -22.62
C GLU A 494 -22.79 -24.05 -21.83
N LYS A 495 -21.50 -23.86 -21.58
CA LYS A 495 -21.01 -22.69 -20.87
C LYS A 495 -21.21 -21.42 -21.70
N VAL A 496 -21.66 -20.35 -21.05
CA VAL A 496 -21.74 -19.02 -21.65
C VAL A 496 -21.04 -18.02 -20.74
N TYR A 497 -20.17 -17.19 -21.32
CA TYR A 497 -19.44 -16.14 -20.62
C TYR A 497 -19.56 -14.83 -21.36
N VAL A 498 -19.07 -13.76 -20.72
CA VAL A 498 -19.23 -12.42 -21.30
C VAL A 498 -18.58 -12.35 -22.67
N GLN A 499 -17.47 -13.05 -22.89
CA GLN A 499 -16.85 -12.99 -24.21
C GLN A 499 -17.80 -13.52 -25.29
N ASP A 500 -18.67 -14.46 -24.95
CA ASP A 500 -19.66 -14.91 -25.93
C ASP A 500 -20.68 -13.82 -26.22
N LYS A 501 -21.11 -13.05 -25.21
CA LYS A 501 -22.04 -11.96 -25.48
C LYS A 501 -21.35 -10.82 -26.22
N LEU A 502 -20.07 -10.62 -25.97
CA LEU A 502 -19.33 -9.63 -26.75
C LEU A 502 -19.38 -9.98 -28.22
N ARG A 503 -19.11 -11.25 -28.54
CA ARG A 503 -19.17 -11.68 -29.94
C ARG A 503 -20.59 -11.53 -30.50
N GLU A 504 -21.59 -12.00 -29.76
CA GLU A 504 -22.98 -11.83 -30.20
C GLU A 504 -23.31 -10.38 -30.53
N GLN A 505 -22.73 -9.44 -29.78
CA GLN A 505 -23.05 -8.03 -29.90
C GLN A 505 -22.07 -7.28 -30.78
N GLY A 506 -21.24 -7.99 -31.53
CA GLY A 506 -20.16 -7.43 -32.32
C GLY A 506 -20.51 -6.17 -33.06
N ALA A 507 -21.54 -6.24 -33.91
CA ALA A 507 -21.87 -5.11 -34.76
C ALA A 507 -22.14 -3.86 -33.94
N GLU A 508 -22.95 -3.98 -32.89
CA GLU A 508 -23.28 -2.78 -32.12
C GLU A 508 -22.10 -2.28 -31.30
N LEU A 509 -21.24 -3.19 -30.82
CA LEU A 509 -20.04 -2.77 -30.10
C LEU A 509 -19.15 -1.91 -30.97
N TRP A 510 -18.91 -2.35 -32.20
CA TRP A 510 -18.08 -1.58 -33.14
C TRP A 510 -18.69 -0.22 -33.43
N ARG A 511 -20.00 -0.17 -33.62
CA ARG A 511 -20.69 1.11 -33.69
C ARG A 511 -20.35 1.99 -32.49
N TRP A 512 -20.51 1.47 -31.26
CA TRP A 512 -20.21 2.30 -30.09
C TRP A 512 -18.76 2.73 -30.09
N ILE A 513 -17.85 1.82 -30.45
CA ILE A 513 -16.43 2.16 -30.48
C ILE A 513 -16.17 3.32 -31.44
N ASN A 514 -16.84 3.33 -32.59
CA ASN A 514 -16.68 4.45 -33.51
C ASN A 514 -17.34 5.73 -33.03
N ASP A 515 -18.21 5.66 -32.01
CA ASP A 515 -18.79 6.85 -31.41
C ASP A 515 -17.98 7.36 -30.22
N GLY A 516 -16.74 6.88 -30.08
CA GLY A 516 -15.87 7.34 -29.02
C GLY A 516 -15.98 6.61 -27.70
N ALA A 517 -16.57 5.41 -27.68
CA ALA A 517 -16.86 4.73 -26.42
C ALA A 517 -15.59 4.36 -25.67
N HIS A 518 -15.65 4.44 -24.35
CA HIS A 518 -14.62 3.87 -23.49
C HIS A 518 -15.01 2.45 -23.09
N ILE A 519 -14.04 1.54 -23.14
CA ILE A 519 -14.23 0.14 -22.78
C ILE A 519 -13.53 -0.14 -21.46
N TYR A 520 -14.23 -0.78 -20.52
CA TYR A 520 -13.68 -1.10 -19.22
C TYR A 520 -13.79 -2.60 -18.99
N VAL A 521 -12.77 -3.18 -18.38
CA VAL A 521 -12.78 -4.59 -18.01
C VAL A 521 -12.30 -4.70 -16.56
N CYS A 522 -13.08 -5.37 -15.71
CA CYS A 522 -12.68 -5.58 -14.33
C CYS A 522 -12.95 -7.01 -13.92
N GLY A 523 -12.05 -7.58 -13.12
CA GLY A 523 -12.29 -8.91 -12.58
C GLY A 523 -11.17 -9.90 -12.82
N ASP A 524 -11.51 -11.18 -13.02
CA ASP A 524 -10.50 -12.23 -13.08
C ASP A 524 -9.49 -11.98 -14.19
N ALA A 525 -8.21 -11.91 -13.83
CA ALA A 525 -7.16 -11.75 -14.83
C ALA A 525 -6.83 -13.07 -15.54
N ASN A 526 -6.74 -14.17 -14.80
CA ASN A 526 -6.10 -15.36 -15.37
C ASN A 526 -6.84 -15.87 -16.59
N ARG A 527 -8.16 -15.85 -16.55
CA ARG A 527 -8.95 -16.42 -17.64
C ARG A 527 -9.87 -15.39 -18.30
N MET A 528 -10.70 -14.71 -17.52
CA MET A 528 -11.73 -13.85 -18.10
C MET A 528 -11.10 -12.73 -18.93
N ALA A 529 -10.15 -11.99 -18.36
CA ALA A 529 -9.63 -10.84 -19.09
C ALA A 529 -8.99 -11.22 -20.42
N LYS A 530 -8.35 -12.38 -20.47
CA LYS A 530 -7.73 -12.85 -21.70
C LYS A 530 -8.79 -13.21 -22.73
N ASP A 531 -9.77 -14.01 -22.34
CA ASP A 531 -10.83 -14.36 -23.27
C ASP A 531 -11.59 -13.13 -23.74
N VAL A 532 -11.77 -12.14 -22.85
CA VAL A 532 -12.48 -10.93 -23.24
C VAL A 532 -11.65 -10.12 -24.23
N GLU A 533 -10.35 -9.98 -23.97
CA GLU A 533 -9.52 -9.27 -24.95
C GLU A 533 -9.54 -9.98 -26.29
N GLN A 534 -9.43 -11.31 -26.28
CA GLN A 534 -9.53 -12.06 -27.53
CA GLN A 534 -9.51 -12.03 -27.55
C GLN A 534 -10.82 -11.75 -28.27
N ALA A 535 -11.94 -11.69 -27.53
CA ALA A 535 -13.21 -11.46 -28.19
C ALA A 535 -13.30 -10.03 -28.73
N LEU A 536 -12.77 -9.05 -27.99
CA LEU A 536 -12.72 -7.68 -28.50
C LEU A 536 -11.90 -7.61 -29.78
N LEU A 537 -10.74 -8.30 -29.81
CA LEU A 537 -9.93 -8.31 -31.02
C LEU A 537 -10.69 -8.93 -32.19
N GLU A 538 -11.46 -10.00 -31.94
CA GLU A 538 -12.24 -10.60 -33.02
C GLU A 538 -13.33 -9.67 -33.51
N VAL A 539 -14.01 -8.98 -32.58
CA VAL A 539 -15.03 -8.01 -33.00
C VAL A 539 -14.40 -6.93 -33.85
N ILE A 540 -13.25 -6.41 -33.39
CA ILE A 540 -12.60 -5.31 -34.11
C ILE A 540 -12.14 -5.78 -35.49
N ALA A 541 -11.52 -6.96 -35.55
CA ALA A 541 -11.09 -7.51 -36.83
C ALA A 541 -12.28 -7.70 -37.77
N GLU A 542 -13.34 -8.33 -37.29
CA GLU A 542 -14.48 -8.62 -38.15
C GLU A 542 -15.19 -7.36 -38.62
N PHE A 543 -15.84 -6.64 -37.70
CA PHE A 543 -16.68 -5.50 -38.10
C PHE A 543 -15.89 -4.26 -38.49
N GLY A 544 -14.61 -4.21 -38.17
CA GLY A 544 -13.73 -3.17 -38.70
C GLY A 544 -13.01 -3.52 -39.99
N GLY A 545 -13.14 -4.76 -40.48
CA GLY A 545 -12.49 -5.18 -41.71
C GLY A 545 -10.97 -5.05 -41.69
N MET A 546 -10.33 -5.64 -40.69
CA MET A 546 -8.88 -5.67 -40.61
C MET A 546 -8.42 -7.04 -40.14
N ASP A 547 -7.11 -7.30 -40.30
CA ASP A 547 -6.57 -8.59 -39.88
C ASP A 547 -6.20 -8.55 -38.39
N THR A 548 -5.69 -9.66 -37.88
CA THR A 548 -5.47 -9.79 -36.44
C THR A 548 -4.44 -8.80 -35.94
N GLU A 549 -3.33 -8.66 -36.65
CA GLU A 549 -2.32 -7.68 -36.25
C GLU A 549 -2.87 -6.26 -36.25
N ALA A 550 -3.74 -5.93 -37.21
CA ALA A 550 -4.28 -4.58 -37.23
C ALA A 550 -5.25 -4.35 -36.08
N ALA A 551 -6.09 -5.35 -35.78
CA ALA A 551 -6.98 -5.25 -34.64
C ALA A 551 -6.19 -5.03 -33.35
N ASP A 552 -5.07 -5.74 -33.19
CA ASP A 552 -4.27 -5.59 -31.98
C ASP A 552 -3.70 -4.19 -31.87
N GLU A 553 -3.20 -3.66 -32.98
CA GLU A 553 -2.71 -2.28 -32.95
C GLU A 553 -3.84 -1.32 -32.65
N PHE A 554 -5.04 -1.61 -33.18
CA PHE A 554 -6.17 -0.75 -32.92
C PHE A 554 -6.51 -0.71 -31.44
N LEU A 555 -6.60 -1.90 -30.82
CA LEU A 555 -6.81 -1.95 -29.37
C LEU A 555 -5.69 -1.25 -28.62
N SER A 556 -4.43 -1.45 -29.04
CA SER A 556 -3.33 -0.70 -28.42
C SER A 556 -3.53 0.81 -28.57
N GLU A 557 -4.11 1.25 -29.68
CA GLU A 557 -4.36 2.69 -29.81
C GLU A 557 -5.44 3.15 -28.84
N LEU A 558 -6.42 2.29 -28.56
CA LEU A 558 -7.43 2.65 -27.56
C LEU A 558 -6.80 2.79 -26.17
N ARG A 559 -5.87 1.90 -25.82
CA ARG A 559 -5.15 2.06 -24.55
C ARG A 559 -4.43 3.40 -24.49
N VAL A 560 -3.58 3.68 -25.49
CA VAL A 560 -2.87 4.96 -25.53
C VAL A 560 -3.85 6.10 -25.33
N GLU A 561 -5.00 6.00 -25.97
CA GLU A 561 -6.01 7.05 -25.90
C GLU A 561 -6.80 7.01 -24.60
N ARG A 562 -6.44 6.11 -23.68
CA ARG A 562 -7.15 5.94 -22.41
C ARG A 562 -8.63 5.58 -22.62
N ARG A 563 -8.94 4.95 -23.75
CA ARG A 563 -10.29 4.51 -24.06
C ARG A 563 -10.47 3.02 -23.90
N TYR A 564 -9.42 2.30 -23.50
CA TYR A 564 -9.47 0.90 -23.12
C TYR A 564 -8.70 0.77 -21.83
N GLN A 565 -9.39 0.52 -20.73
CA GLN A 565 -8.77 0.47 -19.41
C GLN A 565 -9.23 -0.79 -18.70
N ARG A 566 -8.33 -1.33 -17.87
CA ARG A 566 -8.61 -2.58 -17.19
C ARG A 566 -8.12 -2.50 -15.75
N ASP A 567 -8.83 -3.19 -14.86
CA ASP A 567 -8.39 -3.44 -13.50
C ASP A 567 -8.64 -4.91 -13.25
N VAL A 568 -7.67 -5.73 -13.58
CA VAL A 568 -7.82 -7.18 -13.52
C VAL A 568 -6.79 -7.74 -12.55
N TYR A 569 -7.16 -8.82 -11.86
CA TYR A 569 -6.41 -9.29 -10.69
C TYR A 569 -6.61 -10.78 -10.41
PA FAD B . -5.67 -15.03 0.61
O1A FAD B . -4.77 -13.93 0.19
O2A FAD B . -5.45 -15.61 1.98
O5B FAD B . -5.56 -16.01 -0.59
C5B FAD B . -6.33 -17.23 -0.64
C4B FAD B . -5.37 -18.37 -0.81
O4B FAD B . -6.10 -19.62 -0.79
C3B FAD B . -4.54 -18.38 -2.09
O3B FAD B . -3.21 -18.80 -1.76
C2B FAD B . -5.14 -19.54 -2.90
O2B FAD B . -4.16 -20.26 -3.63
C1B FAD B . -5.62 -20.46 -1.79
N9A FAD B . -6.67 -21.37 -2.19
C8A FAD B . -7.90 -21.08 -2.71
N7A FAD B . -8.64 -22.14 -2.98
C5A FAD B . -7.82 -23.20 -2.60
C6A FAD B . -8.00 -24.60 -2.63
N6A FAD B . -9.12 -25.19 -3.07
N1A FAD B . -7.00 -25.37 -2.18
C2A FAD B . -5.88 -24.78 -1.75
N3A FAD B . -5.59 -23.48 -1.67
C4A FAD B . -6.60 -22.74 -2.12
N1 FAD B . -11.51 -9.31 -4.64
C2 FAD B . -12.86 -9.27 -4.47
O2 FAD B . -13.47 -10.20 -3.94
N3 FAD B . -13.57 -8.17 -4.95
C4 FAD B . -13.03 -7.06 -5.57
O4 FAD B . -13.76 -6.14 -5.94
C4X FAD B . -11.58 -7.13 -5.73
N5 FAD B . -11.00 -6.13 -6.30
C5X FAD B . -9.61 -6.17 -6.43
C6 FAD B . -8.97 -5.10 -7.03
C7 FAD B . -7.58 -5.10 -7.18
C7M FAD B . -6.91 -3.92 -7.86
C8 FAD B . -6.83 -6.20 -6.74
C8M FAD B . -5.33 -6.25 -6.91
C9 FAD B . -7.47 -7.27 -6.12
C9A FAD B . -8.85 -7.26 -5.97
N10 FAD B . -9.55 -8.34 -5.38
C10 FAD B . -10.92 -8.29 -5.23
C1' FAD B . -8.82 -9.50 -4.80
C2' FAD B . -8.41 -9.23 -3.34
O2' FAD B . -7.40 -8.23 -3.27
C3' FAD B . -7.89 -10.51 -2.67
O3' FAD B . -6.74 -11.01 -3.34
C4' FAD B . -8.90 -11.63 -2.43
O4' FAD B . -9.92 -11.14 -1.56
C5' FAD B . -8.28 -12.82 -1.75
O5' FAD B . -7.60 -12.36 -0.55
P FAD B . -7.80 -13.12 0.82
O1P FAD B . -6.94 -12.36 1.83
O2P FAD B . -9.24 -13.24 1.12
O3P FAD B . -7.18 -14.55 0.54
N1 FMN C . 31.26 35.22 20.55
C2 FMN C . 30.98 35.79 19.33
O2 FMN C . 29.83 35.80 18.89
N3 FMN C . 32.00 36.34 18.58
C4 FMN C . 33.30 36.33 19.06
O4 FMN C . 34.20 36.84 18.38
C4A FMN C . 33.58 35.75 20.30
N5 FMN C . 34.88 35.72 20.78
C5A FMN C . 35.16 35.15 22.01
C6 FMN C . 36.46 35.13 22.49
C7 FMN C . 36.74 34.55 23.74
C7M FMN C . 38.14 34.53 24.26
C8 FMN C . 35.70 33.98 24.49
C8M FMN C . 36.00 33.34 25.82
C9 FMN C . 34.41 34.00 23.99
C9A FMN C . 34.12 34.58 22.75
N10 FMN C . 32.82 34.60 22.27
C10 FMN C . 32.56 35.19 21.04
C1' FMN C . 31.69 34.02 23.07
C2' FMN C . 31.76 32.51 23.29
O2' FMN C . 31.63 31.84 22.06
C3' FMN C . 30.62 32.11 24.23
O3' FMN C . 31.03 32.26 25.57
C4' FMN C . 30.13 30.68 24.00
O4' FMN C . 29.09 30.37 24.90
C5' FMN C . 31.24 29.64 24.14
O5' FMN C . 30.69 28.34 24.26
P FMN C . 31.63 27.03 24.35
O1P FMN C . 33.03 27.36 23.88
O2P FMN C . 31.66 26.55 25.79
O3P FMN C . 31.07 25.92 23.47
S SO4 D . -28.17 1.96 -28.90
O1 SO4 D . -28.70 1.36 -30.12
O2 SO4 D . -29.06 3.03 -28.42
O3 SO4 D . -26.85 2.51 -29.19
O4 SO4 D . -28.06 0.94 -27.87
S SO4 E . -13.49 -18.54 -25.53
O1 SO4 E . -13.86 -19.00 -26.87
O2 SO4 E . -14.69 -18.13 -24.81
O3 SO4 E . -12.83 -19.62 -24.79
O4 SO4 E . -12.54 -17.42 -25.65
S SO4 F . -32.08 -16.22 -1.37
O1 SO4 F . -33.52 -16.16 -1.21
O2 SO4 F . -31.68 -15.42 -2.54
O3 SO4 F . -31.66 -17.61 -1.57
O4 SO4 F . -31.43 -15.68 -0.17
S SO4 G . -3.73 16.17 -5.09
O1 SO4 G . -3.67 16.78 -6.41
O2 SO4 G . -4.97 16.57 -4.43
O3 SO4 G . -3.69 14.72 -5.22
O4 SO4 G . -2.59 16.63 -4.29
S SO4 H . 39.14 30.97 -6.85
O1 SO4 H . 38.99 30.72 -8.31
O2 SO4 H . 38.05 30.34 -6.11
O3 SO4 H . 40.42 30.43 -6.38
O4 SO4 H . 39.12 32.42 -6.60
S SO4 I . 9.53 -9.25 9.82
O1 SO4 I . 9.89 -10.23 8.79
O2 SO4 I . 8.09 -9.00 9.78
O3 SO4 I . 9.90 -9.77 11.15
O4 SO4 I . 10.24 -7.98 9.61
S CXS J . 18.10 -18.10 3.86
O1 CXS J . 18.18 -18.92 5.15
O2 CXS J . 17.87 -16.63 4.12
O3 CXS J . 19.39 -18.06 3.08
C1 CXS J . 16.91 -18.82 2.71
C2 CXS J . 17.11 -20.33 2.78
C3 CXS J . 16.63 -21.05 1.53
N CXS J . 17.01 -22.45 1.58
C4 CXS J . 16.82 -23.09 0.29
C5 CXS J . 18.17 -23.39 -0.41
C6 CXS J . 18.90 -24.64 0.06
C7 CXS J . 17.97 -25.84 0.17
C8 CXS J . 16.73 -25.53 0.99
C9 CXS J . 15.95 -24.34 0.48
H11 CXS J . 17.07 -18.50 1.81
H12 CXS J . 16.01 -18.60 2.99
H21 CXS J . 16.62 -20.68 3.54
H22 CXS J . 18.05 -20.52 2.89
H31 CXS J . 17.03 -20.64 0.74
H32 CXS J . 15.66 -20.99 1.47
HN CXS J . 16.52 -22.87 2.19
H4 CXS J . 16.33 -22.47 -0.28
H51 CXS J . 18.76 -22.63 -0.27
H52 CXS J . 18.01 -23.47 -1.36
H61 CXS J . 19.60 -24.85 -0.58
H62 CXS J . 19.29 -24.47 0.93
H71 CXS J . 17.70 -26.11 -0.73
H72 CXS J . 18.45 -26.58 0.58
H81 CXS J . 16.15 -26.30 0.98
H82 CXS J . 17.02 -25.35 1.91
H91 CXS J . 15.26 -24.13 1.12
H92 CXS J . 15.56 -24.57 -0.37
S CXS K . -2.56 -2.64 15.68
O1 CXS K . -2.14 -3.86 16.49
O2 CXS K . -3.92 -2.11 16.11
O3 CXS K . -1.68 -1.44 15.97
C1 CXS K . -2.54 -3.03 13.90
C2 CXS K . -1.20 -3.67 13.54
C3 CXS K . -1.12 -3.95 12.04
N CXS K . 0.16 -4.53 11.67
C4 CXS K . 0.29 -4.52 10.23
C5 CXS K . 1.28 -3.44 9.80
C6 CXS K . 2.71 -3.75 10.22
C7 CXS K . 3.14 -5.17 9.84
C8 CXS K . 2.13 -6.25 10.18
C9 CXS K . 0.70 -5.91 9.75
H11 CXS K . -2.65 -2.21 13.40
H12 CXS K . -3.26 -3.64 13.70
H21 CXS K . -1.10 -4.51 14.03
H22 CXS K . -0.48 -3.07 13.80
H31 CXS K . -1.24 -3.12 11.56
H32 CXS K . -1.83 -4.57 11.80
HN CXS K . 0.19 -5.38 11.97
H4 CXS K . -0.58 -4.31 9.84
H51 CXS K . 1.01 -2.60 10.20
H52 CXS K . 1.25 -3.35 8.84
H61 CXS K . 3.30 -3.11 9.81
H62 CXS K . 2.77 -3.66 11.19
H71 CXS K . 3.32 -5.18 8.88
H72 CXS K . 3.98 -5.36 10.31
H81 CXS K . 2.40 -7.07 9.73
H82 CXS K . 2.14 -6.40 11.13
H91 CXS K . 0.10 -6.57 10.12
H92 CXS K . 0.66 -5.93 8.78
#